data_5VN6
#
_entry.id   5VN6
#
_cell.length_a   81.180
_cell.length_b   84.890
_cell.length_c   95.680
_cell.angle_alpha   90.000
_cell.angle_beta   110.530
_cell.angle_gamma   90.000
#
_symmetry.space_group_name_H-M   'C 1 2 1'
#
loop_
_entity.id
_entity.type
_entity.pdbx_description
1 polymer 'Taurine dioxygenase'
2 non-polymer 'MAGNESIUM ION'
3 water water
#
_entity_poly.entity_id   1
_entity_poly.type   'polypeptide(L)'
_entity_poly.pdbx_seq_one_letter_code
;MAHHHHHHMRVEPLTCAIGAELLGVNLADAVHDDGLFAEIRTQLLRHRVLFLRDQDITRAEHVAFARRFGELEDHPVAGS
DPEHPGLVRIYKSPDQPNDRYENAWHSDASWRVAPPFGCVLRCIDGPPVGGDTMWANMVLAYENLPDHVKQQIADLRARH
SIEASFGAAMPIDKRLALKAQYPDAEHPVVRTHPETGEKVLYVNAFTTHFTNFHTPARVRVGQDANPGAGQLLHYLIGQA
AIPEYQVRWRWKKNSVAIWDNRATQHYAVMDYPPCVRRMERAGIVGDVPF
;
_entity_poly.pdbx_strand_id   A,B
#
# COMPACT_ATOMS: atom_id res chain seq x y z
N MET A 9 -22.85 -12.50 -16.08
CA MET A 9 -22.53 -11.58 -14.99
C MET A 9 -21.44 -10.60 -15.43
N ARG A 10 -21.39 -9.45 -14.78
CA ARG A 10 -20.44 -8.39 -15.11
C ARG A 10 -19.22 -8.52 -14.21
N VAL A 11 -18.04 -8.55 -14.82
CA VAL A 11 -16.78 -8.63 -14.10
C VAL A 11 -16.04 -7.31 -14.32
N GLU A 12 -15.79 -6.58 -13.24
CA GLU A 12 -15.17 -5.25 -13.33
C GLU A 12 -13.86 -5.21 -12.55
N PRO A 13 -12.71 -5.35 -13.20
CA PRO A 13 -11.44 -5.31 -12.48
C PRO A 13 -11.25 -3.97 -11.78
N LEU A 14 -10.64 -4.00 -10.59
CA LEU A 14 -10.35 -2.80 -9.83
C LEU A 14 -9.00 -2.19 -10.19
N THR A 15 -8.04 -3.03 -10.57
CA THR A 15 -6.68 -2.66 -10.97
C THR A 15 -6.28 -3.62 -12.09
N CYS A 16 -5.14 -3.37 -12.74
CA CYS A 16 -4.70 -4.29 -13.79
C CYS A 16 -4.06 -5.55 -13.21
N ALA A 17 -3.68 -5.54 -11.94
CA ALA A 17 -2.91 -6.63 -11.39
C ALA A 17 -3.77 -7.62 -10.60
N ILE A 18 -4.82 -7.16 -9.94
CA ILE A 18 -5.48 -7.98 -8.95
C ILE A 18 -6.84 -7.38 -8.57
N GLY A 19 -7.83 -8.25 -8.43
CA GLY A 19 -9.12 -7.86 -7.89
C GLY A 19 -10.14 -7.52 -8.95
N ALA A 20 -11.38 -7.97 -8.75
CA ALA A 20 -12.49 -7.60 -9.61
C ALA A 20 -13.79 -7.68 -8.81
N GLU A 21 -14.71 -6.77 -9.12
CA GLU A 21 -16.04 -6.79 -8.53
C GLU A 21 -16.99 -7.55 -9.45
N LEU A 22 -17.82 -8.39 -8.84
CA LEU A 22 -18.85 -9.12 -9.55
C LEU A 22 -20.16 -8.37 -9.39
N LEU A 23 -20.81 -8.05 -10.51
CA LEU A 23 -22.06 -7.32 -10.52
C LEU A 23 -23.17 -8.18 -11.12
N GLY A 24 -24.40 -7.92 -10.67
CA GLY A 24 -25.52 -8.75 -11.08
C GLY A 24 -25.41 -10.18 -10.61
N VAL A 25 -24.80 -10.40 -9.44
CA VAL A 25 -24.54 -11.74 -8.92
C VAL A 25 -25.06 -11.83 -7.50
N ASN A 26 -25.91 -12.80 -7.25
CA ASN A 26 -26.35 -13.12 -5.90
C ASN A 26 -25.65 -14.43 -5.53
N LEU A 27 -24.80 -14.37 -4.49
CA LEU A 27 -24.02 -15.54 -4.12
C LEU A 27 -24.92 -16.71 -3.79
N ALA A 28 -26.13 -16.43 -3.28
CA ALA A 28 -27.08 -17.50 -2.97
C ALA A 28 -27.40 -18.33 -4.19
N ASP A 29 -27.49 -17.69 -5.36
CA ASP A 29 -27.82 -18.43 -6.56
C ASP A 29 -26.71 -19.39 -6.97
N ALA A 30 -25.45 -19.08 -6.63
CA ALA A 30 -24.34 -19.95 -7.00
C ALA A 30 -24.33 -21.24 -6.21
N VAL A 31 -25.09 -21.32 -5.12
CA VAL A 31 -25.14 -22.59 -4.38
C VAL A 31 -25.65 -23.71 -5.27
N HIS A 32 -26.74 -23.46 -6.01
CA HIS A 32 -27.40 -24.49 -6.80
C HIS A 32 -27.22 -24.34 -8.31
N ASP A 33 -26.73 -23.20 -8.79
CA ASP A 33 -26.48 -23.00 -10.22
C ASP A 33 -25.01 -23.36 -10.49
N ASP A 34 -24.79 -24.54 -11.06
CA ASP A 34 -23.44 -25.04 -11.29
C ASP A 34 -22.69 -24.19 -12.32
N GLY A 35 -23.40 -23.72 -13.35
CA GLY A 35 -22.75 -22.86 -14.32
C GLY A 35 -22.30 -21.54 -13.72
N LEU A 36 -23.15 -20.92 -12.90
CA LEU A 36 -22.76 -19.67 -12.25
C LEU A 36 -21.57 -19.89 -11.34
N PHE A 37 -21.57 -20.99 -10.58
CA PHE A 37 -20.44 -21.23 -9.69
C PHE A 37 -19.15 -21.48 -10.47
N ALA A 38 -19.23 -22.24 -11.56
CA ALA A 38 -18.05 -22.49 -12.39
C ALA A 38 -17.40 -21.18 -12.85
N GLU A 39 -18.21 -20.24 -13.33
CA GLU A 39 -17.66 -18.97 -13.79
C GLU A 39 -17.02 -18.19 -12.64
N ILE A 40 -17.69 -18.12 -11.50
CA ILE A 40 -17.10 -17.44 -10.33
C ILE A 40 -15.76 -18.07 -9.98
N ARG A 41 -15.68 -19.40 -10.01
CA ARG A 41 -14.42 -20.06 -9.73
C ARG A 41 -13.37 -19.68 -10.76
N THR A 42 -13.74 -19.69 -12.05
CA THR A 42 -12.80 -19.27 -13.08
C THR A 42 -12.31 -17.85 -12.81
N GLN A 43 -13.24 -16.94 -12.46
CA GLN A 43 -12.84 -15.55 -12.21
C GLN A 43 -11.92 -15.44 -11.00
N LEU A 44 -12.20 -16.20 -9.94
CA LEU A 44 -11.34 -16.15 -8.76
C LEU A 44 -9.90 -16.55 -9.09
N LEU A 45 -9.73 -17.60 -9.91
CA LEU A 45 -8.38 -18.03 -10.27
C LEU A 45 -7.64 -16.96 -11.08
N ARG A 46 -8.36 -16.20 -11.89
CA ARG A 46 -7.72 -15.19 -12.74
C ARG A 46 -7.44 -13.88 -11.98
N HIS A 47 -8.34 -13.46 -11.08
CA HIS A 47 -8.27 -12.14 -10.47
C HIS A 47 -7.85 -12.17 -9.02
N ARG A 48 -7.60 -13.37 -8.47
CA ARG A 48 -7.04 -13.61 -7.14
C ARG A 48 -8.02 -13.31 -6.00
N VAL A 49 -8.78 -12.21 -6.11
CA VAL A 49 -9.75 -11.82 -5.09
C VAL A 49 -10.96 -11.21 -5.79
N LEU A 50 -12.16 -11.63 -5.36
CA LEU A 50 -13.42 -11.16 -5.93
C LEU A 50 -14.22 -10.42 -4.86
N PHE A 51 -14.88 -9.34 -5.27
CA PHE A 51 -15.65 -8.50 -4.37
C PHE A 51 -17.10 -8.41 -4.84
N LEU A 52 -18.02 -8.37 -3.87
CA LEU A 52 -19.42 -8.18 -4.17
C LEU A 52 -20.03 -7.22 -3.16
N ARG A 53 -20.96 -6.39 -3.62
CA ARG A 53 -21.73 -5.51 -2.75
C ARG A 53 -23.11 -6.11 -2.51
N ASP A 54 -23.75 -5.65 -1.43
CA ASP A 54 -25.16 -5.90 -1.17
C ASP A 54 -25.51 -7.39 -1.26
N GLN A 55 -24.72 -8.20 -0.58
CA GLN A 55 -24.98 -9.63 -0.52
C GLN A 55 -25.85 -9.88 0.70
N ASP A 56 -27.16 -9.74 0.50
CA ASP A 56 -28.14 -10.02 1.55
C ASP A 56 -28.43 -11.52 1.51
N ILE A 57 -27.71 -12.27 2.33
CA ILE A 57 -27.76 -13.72 2.29
C ILE A 57 -27.81 -14.23 3.72
N THR A 58 -28.19 -15.49 3.85
CA THR A 58 -28.21 -16.11 5.16
C THR A 58 -26.87 -16.76 5.45
N ARG A 59 -26.64 -17.05 6.73
CA ARG A 59 -25.40 -17.70 7.11
C ARG A 59 -25.30 -19.09 6.51
N ALA A 60 -26.42 -19.81 6.45
CA ALA A 60 -26.41 -21.11 5.78
C ALA A 60 -25.98 -20.94 4.32
N GLU A 61 -26.47 -19.90 3.64
CA GLU A 61 -26.05 -19.66 2.26
C GLU A 61 -24.57 -19.26 2.16
N HIS A 62 -24.10 -18.42 3.10
CA HIS A 62 -22.67 -18.07 3.14
C HIS A 62 -21.82 -19.32 3.28
N VAL A 63 -22.21 -20.20 4.21
CA VAL A 63 -21.49 -21.45 4.44
C VAL A 63 -21.59 -22.35 3.21
N ALA A 64 -22.81 -22.53 2.69
CA ALA A 64 -22.99 -23.43 1.54
C ALA A 64 -22.28 -22.91 0.28
N PHE A 65 -22.20 -21.59 0.10
CA PHE A 65 -21.44 -21.08 -1.03
C PHE A 65 -19.96 -21.40 -0.88
N ALA A 66 -19.39 -21.16 0.31
CA ALA A 66 -17.98 -21.41 0.52
C ALA A 66 -17.64 -22.89 0.37
N ARG A 67 -18.58 -23.75 0.77
CA ARG A 67 -18.40 -25.19 0.69
C ARG A 67 -18.24 -25.68 -0.75
N ARG A 68 -18.79 -24.93 -1.71
CA ARG A 68 -18.58 -25.24 -3.12
C ARG A 68 -17.10 -25.22 -3.54
N PHE A 69 -16.23 -24.52 -2.80
CA PHE A 69 -14.80 -24.54 -3.11
C PHE A 69 -14.07 -25.73 -2.51
N GLY A 70 -14.66 -26.37 -1.52
CA GLY A 70 -14.05 -27.51 -0.86
C GLY A 70 -14.52 -27.56 0.58
N GLU A 71 -14.08 -28.61 1.28
CA GLU A 71 -14.38 -28.73 2.70
C GLU A 71 -13.92 -27.46 3.43
N LEU A 72 -14.66 -27.10 4.47
CA LEU A 72 -14.40 -25.91 5.24
C LEU A 72 -13.59 -26.25 6.49
N GLU A 73 -12.78 -25.30 6.94
CA GLU A 73 -12.04 -25.50 8.18
C GLU A 73 -13.03 -25.43 9.35
N ASP A 74 -13.09 -26.49 10.16
CA ASP A 74 -14.09 -26.58 11.22
C ASP A 74 -13.46 -26.78 12.59
N HIS A 75 -12.34 -26.10 12.84
CA HIS A 75 -11.80 -26.04 14.19
C HIS A 75 -12.69 -25.11 15.01
N PRO A 76 -13.14 -25.51 16.22
CA PRO A 76 -14.20 -24.75 16.91
C PRO A 76 -13.92 -23.26 17.05
N VAL A 77 -12.75 -22.87 17.56
CA VAL A 77 -12.33 -21.47 17.66
C VAL A 77 -13.34 -20.65 18.46
N ALA A 78 -13.47 -19.36 18.14
CA ALA A 78 -14.35 -18.45 18.87
C ALA A 78 -15.52 -17.97 18.02
N GLY A 79 -15.95 -18.78 17.04
CA GLY A 79 -17.13 -18.49 16.25
C GLY A 79 -17.88 -19.76 15.94
N GLU A 83 -23.29 -22.26 15.79
CA GLU A 83 -24.65 -22.08 15.28
C GLU A 83 -24.75 -22.47 13.79
N HIS A 84 -23.71 -22.14 13.03
CA HIS A 84 -23.59 -22.52 11.63
C HIS A 84 -22.17 -23.00 11.38
N PRO A 85 -21.94 -24.32 11.47
CA PRO A 85 -20.56 -24.83 11.37
C PRO A 85 -19.88 -24.36 10.08
N GLY A 86 -18.59 -24.04 10.21
CA GLY A 86 -17.78 -23.47 9.16
C GLY A 86 -17.68 -21.95 9.25
N LEU A 87 -18.67 -21.31 9.84
CA LEU A 87 -18.71 -19.87 9.97
C LEU A 87 -18.07 -19.43 11.28
N VAL A 88 -17.25 -18.39 11.21
CA VAL A 88 -16.56 -17.81 12.35
C VAL A 88 -16.91 -16.33 12.41
N ARG A 89 -17.45 -15.91 13.56
CA ARG A 89 -17.79 -14.51 13.79
C ARG A 89 -16.56 -13.76 14.30
N ILE A 90 -16.36 -12.54 13.80
CA ILE A 90 -15.23 -11.70 14.19
C ILE A 90 -15.82 -10.36 14.62
N TYR A 91 -15.98 -10.19 15.93
CA TYR A 91 -16.52 -8.95 16.50
C TYR A 91 -15.42 -8.25 17.29
N LYS A 92 -15.25 -6.96 17.05
CA LYS A 92 -14.25 -6.18 17.76
C LYS A 92 -14.86 -4.91 18.36
N ASP A 99 -6.38 -5.63 18.70
CA ASP A 99 -5.73 -6.73 17.98
C ASP A 99 -4.85 -6.20 16.85
N ARG A 100 -3.52 -6.36 16.97
CA ARG A 100 -2.62 -5.86 15.93
C ARG A 100 -1.79 -6.97 15.31
N TYR A 101 -2.46 -8.03 14.84
CA TYR A 101 -1.79 -9.10 14.11
C TYR A 101 -2.18 -9.17 12.64
N GLU A 102 -3.42 -8.77 12.30
CA GLU A 102 -3.90 -8.84 10.92
C GLU A 102 -3.45 -7.66 10.05
N ASN A 103 -2.91 -6.59 10.66
CA ASN A 103 -2.39 -5.47 9.88
C ASN A 103 -0.92 -5.71 9.55
N ALA A 104 -0.71 -6.69 8.68
CA ALA A 104 0.61 -7.14 8.25
C ALA A 104 0.43 -7.90 6.96
N TRP A 105 1.41 -7.82 6.07
CA TRP A 105 1.32 -8.57 4.83
C TRP A 105 1.48 -10.07 5.12
N HIS A 106 0.39 -10.83 5.01
CA HIS A 106 0.46 -12.24 5.33
C HIS A 106 -0.42 -13.05 4.40
N SER A 107 -0.03 -14.30 4.23
CA SER A 107 -0.90 -15.31 3.66
C SER A 107 -1.47 -16.13 4.81
N ASP A 108 -2.79 -16.23 4.87
CA ASP A 108 -3.46 -16.83 6.03
C ASP A 108 -2.87 -18.18 6.42
N ALA A 109 -2.47 -18.29 7.69
CA ALA A 109 -2.08 -19.55 8.33
C ALA A 109 -1.03 -20.32 7.51
N SER A 110 -0.09 -19.58 6.90
CA SER A 110 1.03 -20.27 6.27
C SER A 110 1.94 -20.95 7.29
N TRP A 111 1.74 -20.67 8.59
CA TRP A 111 2.45 -21.38 9.65
C TRP A 111 1.90 -22.80 9.85
N ARG A 112 0.87 -23.19 9.10
CA ARG A 112 0.31 -24.53 9.14
C ARG A 112 0.99 -25.41 8.11
N VAL A 113 0.94 -26.72 8.35
CA VAL A 113 1.41 -27.69 7.38
C VAL A 113 0.60 -27.59 6.09
N ALA A 114 -0.70 -27.38 6.20
CA ALA A 114 -1.59 -27.26 5.05
C ALA A 114 -2.36 -25.95 5.23
N PRO A 115 -1.82 -24.84 4.71
CA PRO A 115 -2.51 -23.57 4.85
C PRO A 115 -3.80 -23.56 4.06
N PRO A 116 -4.79 -22.75 4.47
CA PRO A 116 -6.09 -22.76 3.79
C PRO A 116 -6.04 -22.33 2.34
N PHE A 117 -7.00 -22.84 1.58
CA PHE A 117 -7.20 -22.52 0.17
C PHE A 117 -7.59 -21.06 0.00
N GLY A 118 -8.46 -20.58 0.89
CA GLY A 118 -9.01 -19.24 0.74
C GLY A 118 -10.16 -19.06 1.71
N CYS A 119 -10.96 -18.03 1.45
CA CYS A 119 -11.91 -17.54 2.42
C CYS A 119 -13.03 -16.77 1.73
N VAL A 120 -14.23 -16.84 2.30
CA VAL A 120 -15.36 -16.00 1.92
C VAL A 120 -15.72 -15.17 3.14
N LEU A 121 -15.51 -13.87 3.03
CA LEU A 121 -15.59 -12.94 4.15
C LEU A 121 -16.71 -11.94 3.91
N ARG A 122 -17.63 -11.80 4.87
CA ARG A 122 -18.75 -10.87 4.73
C ARG A 122 -18.73 -9.85 5.85
N CYS A 123 -18.98 -8.58 5.50
CA CYS A 123 -19.09 -7.52 6.50
C CYS A 123 -20.54 -7.41 6.94
N ILE A 124 -20.78 -7.56 8.24
CA ILE A 124 -22.13 -7.49 8.77
C ILE A 124 -22.47 -6.05 9.11
N ASP A 125 -21.74 -5.47 10.05
CA ASP A 125 -21.86 -4.05 10.38
C ASP A 125 -20.48 -3.50 10.69
N GLY A 126 -20.36 -2.18 10.58
CA GLY A 126 -19.09 -1.52 10.79
C GLY A 126 -19.17 -0.02 10.66
N PRO A 127 -18.04 0.64 10.90
CA PRO A 127 -18.03 2.10 10.82
C PRO A 127 -18.08 2.58 9.38
N PRO A 128 -18.58 3.79 9.14
CA PRO A 128 -18.69 4.28 7.75
C PRO A 128 -17.34 4.52 7.10
N VAL A 129 -16.31 4.80 7.88
CA VAL A 129 -14.97 5.01 7.36
C VAL A 129 -13.99 4.17 8.17
N GLY A 130 -12.96 3.70 7.49
CA GLY A 130 -11.87 2.98 8.14
C GLY A 130 -11.98 1.47 7.99
N GLY A 131 -10.87 0.79 8.25
CA GLY A 131 -10.86 -0.66 8.23
C GLY A 131 -10.84 -1.31 6.87
N ASP A 132 -10.26 -0.65 5.87
CA ASP A 132 -10.09 -1.25 4.55
C ASP A 132 -9.25 -2.53 4.64
N THR A 133 -9.40 -3.41 3.65
CA THR A 133 -8.53 -4.58 3.53
C THR A 133 -7.82 -4.50 2.19
N MET A 134 -6.56 -4.89 2.18
CA MET A 134 -5.77 -4.90 0.96
C MET A 134 -5.31 -6.30 0.65
N TRP A 135 -5.15 -6.59 -0.65
CA TRP A 135 -4.56 -7.83 -1.12
C TRP A 135 -3.41 -7.52 -2.07
N ALA A 136 -2.45 -8.45 -2.14
CA ALA A 136 -1.31 -8.33 -3.04
C ALA A 136 -1.19 -9.62 -3.86
N ASN A 137 -0.83 -9.46 -5.13
CA ASN A 137 -0.72 -10.58 -6.08
C ASN A 137 0.70 -11.13 -5.97
N MET A 138 0.87 -12.26 -5.28
CA MET A 138 2.22 -12.81 -5.15
C MET A 138 2.64 -13.65 -6.35
N VAL A 139 1.75 -13.89 -7.32
CA VAL A 139 2.16 -14.44 -8.60
C VAL A 139 2.94 -13.41 -9.39
N LEU A 140 2.39 -12.20 -9.50
CA LEU A 140 3.08 -11.09 -10.11
C LEU A 140 4.37 -10.73 -9.34
N ALA A 141 4.33 -10.79 -8.02
CA ALA A 141 5.54 -10.49 -7.26
C ALA A 141 6.68 -11.43 -7.62
N TYR A 142 6.37 -12.72 -7.80
CA TYR A 142 7.39 -13.66 -8.26
C TYR A 142 7.80 -13.36 -9.70
N GLU A 143 6.81 -13.24 -10.59
CA GLU A 143 7.09 -13.10 -12.02
CA GLU A 143 7.12 -13.13 -12.01
C GLU A 143 8.06 -11.95 -12.30
N ASN A 144 7.92 -10.85 -11.56
CA ASN A 144 8.70 -9.65 -11.82
C ASN A 144 10.04 -9.60 -11.09
N LEU A 145 10.35 -10.57 -10.23
CA LEU A 145 11.68 -10.62 -9.62
C LEU A 145 12.75 -10.60 -10.71
N PRO A 146 13.94 -10.08 -10.40
CA PRO A 146 15.03 -10.14 -11.37
C PRO A 146 15.58 -11.55 -11.52
N ASP A 147 16.17 -11.81 -12.69
CA ASP A 147 16.61 -13.17 -13.01
C ASP A 147 17.53 -13.74 -11.94
N HIS A 148 18.47 -12.95 -11.43
CA HIS A 148 19.41 -13.50 -10.46
C HIS A 148 18.73 -13.81 -9.14
N VAL A 149 17.63 -13.15 -8.81
CA VAL A 149 16.90 -13.51 -7.59
C VAL A 149 16.14 -14.82 -7.81
N LYS A 150 15.56 -14.99 -9.00
CA LYS A 150 14.85 -16.22 -9.28
C LYS A 150 15.78 -17.43 -9.21
N GLN A 151 16.96 -17.32 -9.81
CA GLN A 151 17.95 -18.38 -9.71
C GLN A 151 18.35 -18.65 -8.26
N GLN A 152 18.58 -17.58 -7.49
CA GLN A 152 19.00 -17.71 -6.11
C GLN A 152 17.95 -18.38 -5.22
N ILE A 153 16.66 -18.14 -5.47
CA ILE A 153 15.61 -18.62 -4.56
C ILE A 153 14.95 -19.90 -5.04
N ALA A 154 15.32 -20.41 -6.22
CA ALA A 154 14.55 -21.49 -6.85
C ALA A 154 14.34 -22.69 -5.92
N ASP A 155 15.39 -23.13 -5.21
CA ASP A 155 15.26 -24.30 -4.35
C ASP A 155 15.16 -23.96 -2.87
N LEU A 156 15.03 -22.68 -2.52
CA LEU A 156 14.98 -22.30 -1.11
C LEU A 156 13.68 -22.77 -0.46
N ARG A 157 13.79 -23.13 0.82
CA ARG A 157 12.65 -23.45 1.66
C ARG A 157 12.79 -22.62 2.92
N ALA A 158 11.67 -22.37 3.60
CA ALA A 158 11.70 -21.45 4.73
C ALA A 158 10.61 -21.86 5.73
N ARG A 159 10.76 -21.43 6.98
CA ARG A 159 9.84 -21.81 8.04
C ARG A 159 8.92 -20.66 8.43
N HIS A 160 7.65 -21.00 8.70
CA HIS A 160 6.58 -20.07 9.05
C HIS A 160 6.07 -20.42 10.43
N SER A 161 6.08 -19.45 11.35
CA SER A 161 5.99 -19.77 12.77
C SER A 161 4.79 -19.08 13.40
N ILE A 162 3.95 -19.86 14.08
CA ILE A 162 2.95 -19.20 14.91
C ILE A 162 3.58 -18.82 16.24
N GLU A 163 4.61 -19.56 16.66
CA GLU A 163 5.33 -19.22 17.90
C GLU A 163 5.79 -17.78 17.92
N ALA A 164 6.42 -17.33 16.83
CA ALA A 164 7.05 -16.01 16.77
C ALA A 164 6.08 -14.90 16.40
N SER A 165 4.84 -15.22 16.02
CA SER A 165 3.87 -14.17 15.74
C SER A 165 2.83 -14.15 16.87
N PHE A 166 1.83 -15.03 16.80
CA PHE A 166 0.76 -15.03 17.80
C PHE A 166 1.26 -15.44 19.19
N GLY A 167 2.19 -16.39 19.24
CA GLY A 167 2.69 -16.84 20.52
C GLY A 167 3.65 -15.90 21.21
N ALA A 168 4.19 -14.93 20.46
CA ALA A 168 5.32 -14.13 20.95
C ALA A 168 5.00 -13.40 22.25
N ALA A 169 3.79 -12.88 22.39
CA ALA A 169 3.40 -12.12 23.58
C ALA A 169 2.88 -12.98 24.73
N MET A 170 2.68 -14.28 24.53
CA MET A 170 2.11 -15.14 25.57
C MET A 170 3.10 -15.39 26.71
N PRO A 171 2.60 -15.80 27.89
CA PRO A 171 3.49 -16.35 28.91
C PRO A 171 4.30 -17.49 28.31
N ILE A 172 5.57 -17.61 28.72
CA ILE A 172 6.50 -18.49 28.01
C ILE A 172 5.96 -19.91 27.90
N ASP A 173 5.25 -20.38 28.94
CA ASP A 173 4.69 -21.72 28.91
C ASP A 173 3.58 -21.84 27.89
N LYS A 174 2.70 -20.83 27.79
CA LYS A 174 1.68 -20.86 26.75
C LYS A 174 2.31 -20.75 25.37
N ARG A 175 3.39 -19.96 25.23
CA ARG A 175 4.02 -19.86 23.92
C ARG A 175 4.61 -21.21 23.48
N LEU A 176 5.30 -21.89 24.40
CA LEU A 176 5.94 -23.16 24.04
C LEU A 176 4.90 -24.26 23.77
N ALA A 177 3.82 -24.28 24.56
CA ALA A 177 2.73 -25.22 24.29
C ALA A 177 2.12 -24.97 22.91
N LEU A 178 1.90 -23.70 22.58
CA LEU A 178 1.40 -23.37 21.25
C LEU A 178 2.35 -23.89 20.17
N LYS A 179 3.65 -23.73 20.39
CA LYS A 179 4.63 -24.21 19.42
C LYS A 179 4.56 -25.73 19.27
N ALA A 180 4.42 -26.45 20.39
CA ALA A 180 4.30 -27.90 20.32
C ALA A 180 3.05 -28.30 19.55
N GLN A 181 1.96 -27.56 19.73
CA GLN A 181 0.73 -27.83 19.00
C GLN A 181 0.91 -27.59 17.49
N TYR A 182 1.62 -26.52 17.10
CA TYR A 182 1.84 -26.22 15.68
C TYR A 182 3.32 -25.96 15.39
N PRO A 183 4.12 -27.00 15.17
CA PRO A 183 5.54 -26.80 14.86
C PRO A 183 5.74 -25.93 13.62
N ASP A 184 6.78 -25.09 13.65
CA ASP A 184 7.06 -24.15 12.55
C ASP A 184 7.10 -24.90 11.23
N ALA A 185 6.21 -24.53 10.31
CA ALA A 185 6.04 -25.26 9.07
C ALA A 185 7.04 -24.78 8.02
N GLU A 186 7.73 -25.73 7.39
CA GLU A 186 8.61 -25.42 6.28
C GLU A 186 7.82 -25.50 4.98
N HIS A 187 7.99 -24.50 4.12
CA HIS A 187 7.33 -24.40 2.84
C HIS A 187 8.33 -23.98 1.77
N PRO A 188 8.12 -24.38 0.52
CA PRO A 188 8.94 -23.83 -0.56
C PRO A 188 8.80 -22.32 -0.60
N VAL A 189 9.93 -21.64 -0.84
CA VAL A 189 9.92 -20.19 -1.02
C VAL A 189 9.24 -19.83 -2.33
N VAL A 190 9.42 -20.65 -3.36
CA VAL A 190 8.73 -20.50 -4.64
C VAL A 190 7.68 -21.60 -4.68
N ARG A 191 6.42 -21.24 -4.52
CA ARG A 191 5.34 -22.22 -4.49
C ARG A 191 4.67 -22.31 -5.86
N THR A 192 4.40 -23.54 -6.27
CA THR A 192 3.68 -23.81 -7.51
C THR A 192 2.20 -23.87 -7.18
N HIS A 193 1.42 -22.95 -7.77
CA HIS A 193 -0.01 -22.95 -7.52
C HIS A 193 -0.61 -24.26 -8.04
N PRO A 194 -1.37 -24.98 -7.21
CA PRO A 194 -1.81 -26.33 -7.61
C PRO A 194 -2.84 -26.36 -8.74
N GLU A 195 -3.63 -25.30 -8.95
CA GLU A 195 -4.62 -25.38 -10.04
C GLU A 195 -4.18 -24.67 -11.31
N THR A 196 -3.31 -23.67 -11.22
CA THR A 196 -2.87 -22.96 -12.41
C THR A 196 -1.45 -23.28 -12.83
N GLY A 197 -0.65 -23.89 -11.95
CA GLY A 197 0.75 -24.06 -12.27
C GLY A 197 1.59 -22.79 -12.16
N GLU A 198 0.99 -21.65 -11.84
CA GLU A 198 1.75 -20.42 -11.71
C GLU A 198 2.66 -20.48 -10.50
N LYS A 199 3.82 -19.82 -10.60
CA LYS A 199 4.71 -19.73 -9.46
C LYS A 199 4.32 -18.56 -8.56
N VAL A 200 4.37 -18.81 -7.25
CA VAL A 200 3.96 -17.86 -6.22
C VAL A 200 5.16 -17.59 -5.32
N LEU A 201 5.47 -16.31 -5.10
CA LEU A 201 6.44 -15.97 -4.07
C LEU A 201 5.79 -16.21 -2.71
N TYR A 202 6.25 -17.25 -2.00
CA TYR A 202 5.56 -17.75 -0.83
C TYR A 202 6.36 -17.57 0.47
N VAL A 203 6.74 -16.34 0.77
CA VAL A 203 7.21 -15.93 2.09
C VAL A 203 6.43 -14.68 2.50
N ASN A 204 6.18 -14.54 3.80
CA ASN A 204 5.36 -13.43 4.28
C ASN A 204 5.75 -13.12 5.73
N ALA A 205 4.91 -12.33 6.40
CA ALA A 205 5.22 -11.86 7.76
C ALA A 205 5.41 -13.02 8.73
N PHE A 206 4.80 -14.18 8.45
CA PHE A 206 4.99 -15.34 9.31
C PHE A 206 6.34 -16.01 9.12
N THR A 207 7.06 -15.73 8.03
CA THR A 207 8.27 -16.47 7.71
C THR A 207 9.43 -15.97 8.57
N THR A 208 10.12 -16.89 9.24
CA THR A 208 11.22 -16.47 10.12
C THR A 208 12.57 -16.50 9.42
N HIS A 209 12.87 -17.57 8.65
CA HIS A 209 14.19 -17.72 8.06
C HIS A 209 14.18 -18.84 7.02
N PHE A 210 15.20 -18.80 6.14
CA PHE A 210 15.46 -19.90 5.23
C PHE A 210 16.15 -21.04 5.98
N THR A 211 15.79 -22.28 5.63
CA THR A 211 16.41 -23.44 6.25
C THR A 211 17.52 -24.07 5.42
N ASN A 212 17.58 -23.78 4.12
CA ASN A 212 18.54 -24.46 3.25
C ASN A 212 19.32 -23.46 2.40
N PHE A 213 19.57 -22.28 2.96
CA PHE A 213 20.31 -21.21 2.28
C PHE A 213 21.81 -21.45 2.30
N HIS A 214 22.34 -21.93 3.42
CA HIS A 214 23.78 -21.98 3.62
C HIS A 214 24.41 -23.11 2.79
N THR A 215 24.75 -22.82 1.54
CA THR A 215 25.37 -23.73 0.60
C THR A 215 26.62 -23.10 0.03
N PRO A 216 27.56 -23.90 -0.50
CA PRO A 216 28.77 -23.31 -1.09
C PRO A 216 28.50 -22.36 -2.25
N ALA A 217 27.37 -22.51 -2.94
CA ALA A 217 27.03 -21.60 -4.03
C ALA A 217 26.69 -20.22 -3.51
N ARG A 218 26.13 -20.13 -2.30
CA ARG A 218 25.70 -18.85 -1.77
C ARG A 218 26.62 -18.27 -0.71
N VAL A 219 27.47 -19.07 -0.07
CA VAL A 219 28.19 -18.61 1.12
C VAL A 219 29.69 -18.79 0.90
N ARG A 220 30.39 -17.66 0.79
CA ARG A 220 31.86 -17.65 0.79
C ARG A 220 32.37 -17.48 2.22
N VAL A 221 31.82 -16.49 2.93
CA VAL A 221 32.22 -16.18 4.29
C VAL A 221 30.94 -16.00 5.11
N GLY A 222 31.13 -15.95 6.44
CA GLY A 222 29.99 -15.97 7.35
C GLY A 222 28.97 -14.88 7.09
N GLN A 223 29.44 -13.64 6.85
CA GLN A 223 28.45 -12.58 6.68
C GLN A 223 27.56 -12.81 5.46
N ASP A 224 27.99 -13.62 4.48
CA ASP A 224 27.10 -14.04 3.39
C ASP A 224 25.90 -14.83 3.92
N ALA A 225 26.10 -15.64 4.97
CA ALA A 225 24.99 -16.44 5.49
C ALA A 225 24.13 -15.61 6.46
N ASN A 226 24.77 -14.87 7.35
CA ASN A 226 24.05 -14.10 8.35
C ASN A 226 24.80 -12.79 8.51
N PRO A 227 24.22 -11.63 8.14
CA PRO A 227 22.84 -11.29 7.81
C PRO A 227 22.36 -11.60 6.39
N GLY A 228 23.21 -12.20 5.55
CA GLY A 228 22.90 -12.30 4.14
C GLY A 228 21.58 -12.99 3.86
N ALA A 229 21.35 -14.15 4.51
CA ALA A 229 20.10 -14.87 4.30
C ALA A 229 18.90 -14.04 4.74
N GLY A 230 18.98 -13.42 5.91
CA GLY A 230 17.89 -12.59 6.39
C GLY A 230 17.63 -11.37 5.51
N GLN A 231 18.68 -10.81 4.92
CA GLN A 231 18.49 -9.67 4.03
C GLN A 231 17.70 -10.07 2.79
N LEU A 232 18.00 -11.24 2.22
CA LEU A 232 17.23 -11.72 1.08
C LEU A 232 15.77 -11.96 1.45
N LEU A 233 15.54 -12.55 2.63
CA LEU A 233 14.16 -12.79 3.06
C LEU A 233 13.42 -11.47 3.19
N HIS A 234 14.06 -10.45 3.78
CA HIS A 234 13.42 -9.14 3.89
C HIS A 234 13.07 -8.57 2.52
N TYR A 235 13.96 -8.74 1.55
CA TYR A 235 13.69 -8.26 0.20
C TYR A 235 12.47 -8.97 -0.40
N LEU A 236 12.37 -10.27 -0.19
CA LEU A 236 11.25 -11.04 -0.71
C LEU A 236 9.93 -10.65 -0.04
N ILE A 237 9.87 -10.67 1.31
CA ILE A 237 8.59 -10.36 1.95
C ILE A 237 8.18 -8.92 1.68
N GLY A 238 9.14 -8.01 1.48
CA GLY A 238 8.79 -6.64 1.13
C GLY A 238 8.20 -6.45 -0.25
N GLN A 239 8.25 -7.49 -1.10
CA GLN A 239 7.64 -7.37 -2.42
C GLN A 239 6.14 -7.15 -2.30
N ALA A 240 5.51 -7.66 -1.23
CA ALA A 240 4.08 -7.46 -1.04
C ALA A 240 3.75 -6.01 -0.79
N ALA A 241 4.72 -5.17 -0.42
CA ALA A 241 4.44 -3.77 -0.16
C ALA A 241 4.47 -2.90 -1.43
N ILE A 242 4.61 -3.49 -2.61
CA ILE A 242 4.73 -2.74 -3.85
C ILE A 242 3.32 -2.42 -4.36
N PRO A 243 2.94 -1.14 -4.46
CA PRO A 243 1.55 -0.82 -4.82
C PRO A 243 1.11 -1.40 -6.15
N GLU A 244 2.04 -1.62 -7.10
CA GLU A 244 1.69 -2.21 -8.39
C GLU A 244 0.99 -3.56 -8.24
N TYR A 245 1.23 -4.28 -7.15
CA TYR A 245 0.68 -5.63 -6.97
C TYR A 245 -0.58 -5.63 -6.12
N GLN A 246 -1.08 -4.46 -5.74
CA GLN A 246 -2.03 -4.34 -4.64
C GLN A 246 -3.40 -3.88 -5.13
N VAL A 247 -4.41 -4.24 -4.33
CA VAL A 247 -5.73 -3.65 -4.43
C VAL A 247 -6.18 -3.33 -3.02
N ARG A 248 -6.98 -2.27 -2.89
CA ARG A 248 -7.50 -1.82 -1.60
C ARG A 248 -9.02 -1.74 -1.67
N TRP A 249 -9.68 -2.40 -0.72
CA TRP A 249 -11.14 -2.55 -0.75
C TRP A 249 -11.73 -1.85 0.46
N ARG A 250 -12.79 -1.08 0.23
CA ARG A 250 -13.50 -0.40 1.29
C ARG A 250 -14.79 -1.13 1.57
N TRP A 251 -15.00 -1.50 2.84
CA TRP A 251 -16.15 -2.32 3.21
C TRP A 251 -17.42 -1.49 3.37
N LYS A 252 -18.54 -2.12 3.01
CA LYS A 252 -19.89 -1.63 3.30
C LYS A 252 -20.69 -2.79 3.87
N LYS A 253 -21.85 -2.49 4.44
CA LYS A 253 -22.69 -3.55 4.99
C LYS A 253 -23.02 -4.58 3.93
N ASN A 254 -22.92 -5.86 4.31
CA ASN A 254 -23.17 -7.00 3.42
C ASN A 254 -22.26 -7.05 2.20
N SER A 255 -21.10 -6.42 2.28
CA SER A 255 -20.07 -6.61 1.27
C SER A 255 -19.34 -7.92 1.55
N VAL A 256 -18.85 -8.55 0.47
CA VAL A 256 -18.21 -9.86 0.54
C VAL A 256 -16.92 -9.83 -0.25
N ALA A 257 -15.88 -10.45 0.30
CA ALA A 257 -14.62 -10.71 -0.39
C ALA A 257 -14.42 -12.23 -0.47
N ILE A 258 -14.04 -12.71 -1.65
CA ILE A 258 -13.63 -14.10 -1.85
C ILE A 258 -12.21 -14.05 -2.37
N TRP A 259 -11.28 -14.76 -1.70
CA TRP A 259 -9.91 -14.71 -2.20
C TRP A 259 -9.21 -16.05 -2.15
N ASP A 260 -8.26 -16.19 -3.08
CA ASP A 260 -7.42 -17.37 -3.24
C ASP A 260 -6.17 -17.14 -2.38
N ASN A 261 -6.14 -17.79 -1.22
CA ASN A 261 -5.08 -17.56 -0.25
C ASN A 261 -3.74 -18.11 -0.72
N ARG A 262 -3.76 -19.00 -1.70
CA ARG A 262 -2.53 -19.59 -2.20
C ARG A 262 -1.75 -18.60 -3.04
N ALA A 263 -2.44 -17.70 -3.73
CA ALA A 263 -1.80 -16.80 -4.67
C ALA A 263 -1.62 -15.39 -4.13
N THR A 264 -2.14 -15.09 -2.94
CA THR A 264 -2.19 -13.72 -2.44
C THR A 264 -1.66 -13.61 -1.02
N GLN A 265 -1.38 -12.37 -0.62
CA GLN A 265 -1.34 -11.98 0.78
C GLN A 265 -2.40 -10.91 0.99
N HIS A 266 -2.79 -10.70 2.25
CA HIS A 266 -3.71 -9.62 2.55
C HIS A 266 -3.24 -8.87 3.79
N TYR A 267 -3.85 -7.70 4.00
CA TYR A 267 -3.49 -6.78 5.07
C TYR A 267 -4.77 -6.10 5.51
N ALA A 268 -5.17 -6.30 6.77
CA ALA A 268 -6.34 -5.65 7.33
C ALA A 268 -5.88 -4.32 7.94
N VAL A 269 -6.25 -3.21 7.32
CA VAL A 269 -5.72 -1.91 7.75
C VAL A 269 -6.30 -1.52 9.09
N MET A 270 -5.43 -1.12 10.01
CA MET A 270 -5.89 -0.79 11.35
C MET A 270 -5.78 0.71 11.59
N ASP A 271 -6.47 1.51 10.77
CA ASP A 271 -6.46 2.96 10.91
C ASP A 271 -7.55 3.48 11.84
N TYR A 272 -8.42 2.55 12.42
CA TYR A 272 -9.61 3.04 13.11
C TYR A 272 -9.45 2.99 14.63
N PRO A 273 -10.08 3.94 15.30
CA PRO A 273 -10.16 3.94 16.77
C PRO A 273 -11.04 2.79 17.26
N PRO A 274 -11.08 2.54 18.57
CA PRO A 274 -11.95 1.48 19.10
C PRO A 274 -13.40 1.67 18.65
N CYS A 275 -13.92 0.66 17.97
CA CYS A 275 -15.28 0.72 17.46
C CYS A 275 -15.83 -0.69 17.33
N VAL A 276 -17.10 -0.78 16.95
CA VAL A 276 -17.77 -2.07 16.79
C VAL A 276 -17.78 -2.38 15.30
N ARG A 277 -17.09 -3.45 14.93
CA ARG A 277 -17.11 -3.96 13.56
C ARG A 277 -17.34 -5.45 13.64
N ARG A 278 -18.27 -5.94 12.82
CA ARG A 278 -18.66 -7.35 12.85
C ARG A 278 -18.47 -7.95 11.47
N MET A 279 -17.62 -8.98 11.38
CA MET A 279 -17.35 -9.72 10.16
C MET A 279 -17.66 -11.19 10.41
N GLU A 280 -17.92 -11.93 9.32
CA GLU A 280 -18.10 -13.36 9.40
C GLU A 280 -17.36 -13.98 8.22
N ARG A 281 -16.57 -15.02 8.48
CA ARG A 281 -15.75 -15.63 7.45
C ARG A 281 -15.99 -17.14 7.41
N ALA A 282 -15.75 -17.72 6.24
CA ALA A 282 -15.77 -19.16 6.05
C ALA A 282 -14.48 -19.54 5.34
N GLY A 283 -13.60 -20.25 6.04
CA GLY A 283 -12.31 -20.64 5.49
C GLY A 283 -12.40 -22.01 4.83
N ILE A 284 -11.66 -22.17 3.73
CA ILE A 284 -11.69 -23.40 2.92
C ILE A 284 -10.36 -24.12 3.09
N VAL A 285 -10.43 -25.43 3.31
CA VAL A 285 -9.24 -26.23 3.56
C VAL A 285 -8.35 -26.22 2.32
N GLY A 286 -7.05 -26.01 2.53
CA GLY A 286 -6.04 -26.12 1.50
C GLY A 286 -5.18 -27.37 1.73
N ASP A 287 -4.28 -27.60 0.78
CA ASP A 287 -3.43 -28.78 0.82
C ASP A 287 -1.98 -28.41 1.15
N VAL A 288 -1.07 -29.37 1.00
CA VAL A 288 0.33 -29.16 1.32
C VAL A 288 0.98 -28.31 0.23
N PRO A 289 1.62 -27.20 0.56
CA PRO A 289 2.30 -26.40 -0.47
C PRO A 289 3.53 -27.11 -1.01
N PHE A 290 3.69 -27.07 -2.33
CA PHE A 290 4.88 -27.62 -3.00
C PHE A 290 5.39 -26.59 -4.02
N MET B 9 -21.19 22.01 2.30
CA MET B 9 -20.82 20.97 1.36
C MET B 9 -20.55 19.65 2.09
N ARG B 10 -20.66 18.55 1.36
CA ARG B 10 -20.50 17.22 1.95
C ARG B 10 -19.05 16.78 1.77
N VAL B 11 -18.40 16.46 2.89
CA VAL B 11 -17.04 15.99 2.92
C VAL B 11 -17.10 14.53 3.38
N GLU B 12 -16.61 13.63 2.55
CA GLU B 12 -16.66 12.19 2.83
C GLU B 12 -15.25 11.61 2.89
N PRO B 13 -14.66 11.47 4.07
CA PRO B 13 -13.29 10.91 4.14
C PRO B 13 -13.23 9.49 3.58
N LEU B 14 -12.12 9.19 2.93
CA LEU B 14 -11.93 7.86 2.34
C LEU B 14 -11.36 6.86 3.33
N THR B 15 -10.53 7.32 4.26
CA THR B 15 -9.90 6.52 5.30
C THR B 15 -9.91 7.35 6.58
N CYS B 16 -9.50 6.74 7.69
CA CYS B 16 -9.40 7.50 8.93
C CYS B 16 -8.15 8.36 8.98
N ALA B 17 -7.19 8.12 8.09
CA ALA B 17 -5.91 8.79 8.14
C ALA B 17 -5.79 9.92 7.14
N ILE B 18 -6.41 9.81 5.96
CA ILE B 18 -6.07 10.70 4.87
C ILE B 18 -7.09 10.62 3.75
N GLY B 19 -7.42 11.76 3.17
CA GLY B 19 -8.22 11.80 1.97
C GLY B 19 -9.69 12.00 2.28
N ALA B 20 -10.34 12.82 1.46
CA ALA B 20 -11.78 13.01 1.57
C ALA B 20 -12.30 13.43 0.22
N GLU B 21 -13.50 12.97 -0.11
CA GLU B 21 -14.18 13.37 -1.33
C GLU B 21 -15.11 14.54 -1.04
N LEU B 22 -15.08 15.53 -1.92
CA LEU B 22 -15.99 16.66 -1.87
C LEU B 22 -17.14 16.41 -2.83
N LEU B 23 -18.37 16.49 -2.32
CA LEU B 23 -19.57 16.29 -3.11
C LEU B 23 -20.42 17.55 -3.10
N GLY B 24 -21.17 17.75 -4.19
CA GLY B 24 -21.92 18.97 -4.39
C GLY B 24 -21.04 20.20 -4.49
N VAL B 25 -19.83 20.06 -5.03
CA VAL B 25 -18.87 21.15 -5.11
C VAL B 25 -18.34 21.24 -6.53
N ASN B 26 -18.48 22.42 -7.13
CA ASN B 26 -17.87 22.73 -8.43
C ASN B 26 -16.72 23.69 -8.20
N LEU B 27 -15.51 23.25 -8.55
CA LEU B 27 -14.30 24.05 -8.30
C LEU B 27 -14.35 25.40 -9.02
N ALA B 28 -14.99 25.46 -10.19
CA ALA B 28 -15.05 26.72 -10.93
C ALA B 28 -15.67 27.81 -10.08
N ASP B 29 -16.71 27.47 -9.32
CA ASP B 29 -17.40 28.44 -8.48
C ASP B 29 -16.52 28.92 -7.33
N ALA B 30 -15.55 28.11 -6.89
CA ALA B 30 -14.73 28.45 -5.73
C ALA B 30 -13.78 29.61 -6.01
N VAL B 31 -13.59 30.00 -7.27
CA VAL B 31 -12.76 31.15 -7.57
C VAL B 31 -13.31 32.40 -6.88
N HIS B 32 -14.63 32.61 -6.92
CA HIS B 32 -15.23 33.86 -6.45
C HIS B 32 -15.99 33.75 -5.14
N ASP B 33 -16.30 32.55 -4.65
CA ASP B 33 -16.97 32.44 -3.35
C ASP B 33 -15.89 32.28 -2.29
N ASP B 34 -15.63 33.37 -1.56
CA ASP B 34 -14.56 33.37 -0.56
C ASP B 34 -14.87 32.40 0.58
N GLY B 35 -16.14 32.33 0.98
CA GLY B 35 -16.52 31.40 2.03
C GLY B 35 -16.28 29.96 1.60
N LEU B 36 -16.62 29.64 0.35
CA LEU B 36 -16.41 28.30 -0.18
C LEU B 36 -14.92 27.96 -0.23
N PHE B 37 -14.09 28.89 -0.72
CA PHE B 37 -12.67 28.57 -0.81
C PHE B 37 -12.06 28.36 0.55
N ALA B 38 -12.44 29.21 1.53
CA ALA B 38 -11.95 29.03 2.89
C ALA B 38 -12.23 27.61 3.38
N GLU B 39 -13.44 27.10 3.14
CA GLU B 39 -13.76 25.74 3.53
C GLU B 39 -12.90 24.73 2.77
N ILE B 40 -12.75 24.90 1.45
CA ILE B 40 -11.89 24.00 0.68
C ILE B 40 -10.47 24.02 1.23
N ARG B 41 -9.94 25.23 1.53
CA ARG B 41 -8.62 25.32 2.12
C ARG B 41 -8.57 24.59 3.46
N THR B 42 -9.55 24.85 4.31
CA THR B 42 -9.60 24.20 5.63
C THR B 42 -9.63 22.68 5.50
N GLN B 43 -10.45 22.16 4.59
CA GLN B 43 -10.55 20.71 4.43
C GLN B 43 -9.25 20.12 3.90
N LEU B 44 -8.58 20.82 2.97
CA LEU B 44 -7.31 20.34 2.45
C LEU B 44 -6.28 20.21 3.56
N LEU B 45 -6.20 21.21 4.42
CA LEU B 45 -5.27 21.15 5.53
C LEU B 45 -5.62 20.04 6.50
N ARG B 46 -6.91 19.75 6.66
CA ARG B 46 -7.28 18.70 7.61
C ARG B 46 -7.08 17.31 7.01
N HIS B 47 -7.42 17.13 5.73
CA HIS B 47 -7.48 15.79 5.11
C HIS B 47 -6.33 15.48 4.15
N ARG B 48 -5.39 16.40 3.98
CA ARG B 48 -4.14 16.27 3.22
C ARG B 48 -4.34 16.24 1.71
N VAL B 49 -5.38 15.55 1.24
CA VAL B 49 -5.69 15.44 -0.17
C VAL B 49 -7.20 15.41 -0.32
N LEU B 50 -7.71 16.14 -1.30
CA LEU B 50 -9.13 16.23 -1.57
C LEU B 50 -9.41 15.68 -2.96
N PHE B 51 -10.53 14.96 -3.11
CA PHE B 51 -10.90 14.34 -4.37
C PHE B 51 -12.25 14.83 -4.80
N LEU B 52 -12.42 15.03 -6.10
CA LEU B 52 -13.70 15.44 -6.65
C LEU B 52 -13.96 14.68 -7.94
N ARG B 53 -15.23 14.33 -8.16
CA ARG B 53 -15.65 13.72 -9.41
C ARG B 53 -16.36 14.76 -10.28
N ASP B 54 -16.41 14.48 -11.58
CA ASP B 54 -17.24 15.20 -12.54
C ASP B 54 -16.98 16.69 -12.51
N GLN B 55 -15.70 17.06 -12.57
CA GLN B 55 -15.28 18.45 -12.64
C GLN B 55 -15.14 18.81 -14.11
N ASP B 56 -16.25 19.22 -14.72
CA ASP B 56 -16.26 19.69 -16.10
C ASP B 56 -15.88 21.16 -16.10
N ILE B 57 -14.61 21.45 -16.35
CA ILE B 57 -14.08 22.80 -16.26
C ILE B 57 -13.16 23.07 -17.45
N THR B 58 -12.91 24.36 -17.70
CA THR B 58 -11.95 24.81 -18.68
C THR B 58 -10.60 25.04 -18.01
N ARG B 59 -9.55 25.14 -18.83
CA ARG B 59 -8.21 25.33 -18.30
C ARG B 59 -8.12 26.64 -17.52
N ALA B 60 -8.83 27.67 -17.98
CA ALA B 60 -8.86 28.94 -17.25
C ALA B 60 -9.40 28.76 -15.83
N GLU B 61 -10.47 27.97 -15.69
CA GLU B 61 -11.03 27.74 -14.37
C GLU B 61 -10.09 26.92 -13.50
N HIS B 62 -9.43 25.93 -14.09
CA HIS B 62 -8.46 25.11 -13.34
C HIS B 62 -7.35 25.97 -12.77
N VAL B 63 -6.77 26.84 -13.60
CA VAL B 63 -5.67 27.69 -13.17
C VAL B 63 -6.14 28.69 -12.12
N ALA B 64 -7.29 29.34 -12.36
CA ALA B 64 -7.77 30.36 -11.44
C ALA B 64 -8.13 29.78 -10.08
N PHE B 65 -8.64 28.54 -10.04
CA PHE B 65 -8.85 27.92 -8.75
C PHE B 65 -7.51 27.67 -8.06
N ALA B 66 -6.53 27.15 -8.79
CA ALA B 66 -5.24 26.81 -8.19
C ALA B 66 -4.51 28.06 -7.68
N ARG B 67 -4.65 29.20 -8.38
CA ARG B 67 -3.98 30.43 -7.94
C ARG B 67 -4.48 30.93 -6.60
N ARG B 68 -5.71 30.55 -6.21
CA ARG B 68 -6.21 30.87 -4.87
C ARG B 68 -5.32 30.32 -3.78
N PHE B 69 -4.53 29.27 -4.05
CA PHE B 69 -3.57 28.75 -3.10
C PHE B 69 -2.24 29.48 -3.14
N GLY B 70 -1.94 30.17 -4.23
CA GLY B 70 -0.70 30.92 -4.36
C GLY B 70 -0.27 30.98 -5.81
N GLU B 71 0.85 31.68 -6.03
CA GLU B 71 1.46 31.73 -7.36
C GLU B 71 1.75 30.33 -7.88
N LEU B 72 1.69 30.18 -9.21
CA LEU B 72 1.89 28.91 -9.89
C LEU B 72 3.30 28.77 -10.44
N GLU B 73 3.79 27.53 -10.49
CA GLU B 73 5.09 27.24 -11.05
C GLU B 73 5.07 27.39 -12.56
N ASP B 74 5.93 28.26 -13.09
CA ASP B 74 5.89 28.65 -14.50
C ASP B 74 7.19 28.34 -15.24
N HIS B 75 7.74 27.14 -15.03
CA HIS B 75 8.90 26.70 -15.79
C HIS B 75 8.56 26.40 -17.25
N GLU B 83 0.41 28.75 -24.00
CA GLU B 83 -0.97 28.89 -24.47
C GLU B 83 -1.91 29.16 -23.30
N HIS B 84 -1.69 28.46 -22.19
CA HIS B 84 -2.41 28.70 -20.95
C HIS B 84 -1.41 28.62 -19.81
N PRO B 85 -0.75 29.73 -19.47
CA PRO B 85 0.34 29.69 -18.49
C PRO B 85 -0.09 29.15 -17.13
N GLY B 86 0.81 28.38 -16.51
CA GLY B 86 0.58 27.72 -15.24
C GLY B 86 0.10 26.29 -15.36
N LEU B 87 -0.58 25.96 -16.44
CA LEU B 87 -1.09 24.62 -16.67
C LEU B 87 -0.09 23.82 -17.50
N VAL B 88 0.07 22.55 -17.17
CA VAL B 88 0.97 21.66 -17.89
C VAL B 88 0.19 20.43 -18.35
N ARG B 89 0.22 20.16 -19.65
CA ARG B 89 -0.41 18.97 -20.21
C ARG B 89 0.57 17.79 -20.15
N ILE B 90 0.05 16.61 -19.82
CA ILE B 90 0.85 15.40 -19.68
C ILE B 90 0.17 14.30 -20.50
N TYR B 91 0.70 14.00 -21.68
CA TYR B 91 0.12 13.00 -22.58
C TYR B 91 1.01 11.77 -22.64
N LYS B 92 0.40 10.59 -22.50
CA LYS B 92 1.11 9.32 -22.60
C LYS B 92 0.40 8.38 -23.57
N ARG B 100 9.37 6.47 -15.65
CA ARG B 100 9.11 5.55 -14.55
C ARG B 100 9.77 6.05 -13.25
N TYR B 101 9.51 7.32 -12.94
CA TYR B 101 9.97 7.97 -11.73
C TYR B 101 8.85 8.25 -10.75
N GLU B 102 7.61 8.41 -11.22
CA GLU B 102 6.51 8.76 -10.34
C GLU B 102 5.95 7.58 -9.55
N ASN B 103 6.28 6.34 -9.93
CA ASN B 103 5.84 5.18 -9.15
C ASN B 103 6.88 4.90 -8.07
N ALA B 104 6.96 5.85 -7.14
CA ALA B 104 7.89 5.83 -6.01
C ALA B 104 7.26 6.72 -4.95
N TRP B 105 7.48 6.39 -3.68
CA TRP B 105 6.97 7.26 -2.63
C TRP B 105 7.77 8.55 -2.63
N HIS B 106 7.16 9.67 -3.03
CA HIS B 106 7.92 10.90 -3.10
C HIS B 106 7.06 12.10 -2.71
N SER B 107 7.73 13.15 -2.25
CA SER B 107 7.15 14.48 -2.12
C SER B 107 7.65 15.32 -3.29
N ASP B 108 6.72 15.88 -4.07
CA ASP B 108 7.09 16.51 -5.33
C ASP B 108 8.22 17.52 -5.13
N ALA B 109 9.29 17.35 -5.92
CA ALA B 109 10.38 18.32 -6.03
C ALA B 109 10.96 18.70 -4.66
N SER B 110 11.04 17.73 -3.75
CA SER B 110 11.75 17.98 -2.50
C SER B 110 13.24 18.21 -2.74
N TRP B 111 13.72 17.92 -3.95
CA TRP B 111 15.09 18.20 -4.33
C TRP B 111 15.33 19.68 -4.62
N ARG B 112 14.31 20.53 -4.54
CA ARG B 112 14.43 21.97 -4.71
C ARG B 112 14.66 22.63 -3.37
N VAL B 113 15.27 23.83 -3.43
CA VAL B 113 15.41 24.66 -2.24
C VAL B 113 14.03 25.05 -1.70
N ALA B 114 13.08 25.30 -2.60
CA ALA B 114 11.71 25.64 -2.24
C ALA B 114 10.78 24.70 -3.00
N PRO B 115 10.47 23.53 -2.43
CA PRO B 115 9.59 22.61 -3.13
C PRO B 115 8.16 23.12 -3.16
N PRO B 116 7.36 22.70 -4.15
CA PRO B 116 6.01 23.24 -4.30
C PRO B 116 5.10 22.98 -3.10
N PHE B 117 4.13 23.89 -2.97
CA PHE B 117 3.07 23.82 -1.96
C PHE B 117 2.16 22.61 -2.20
N GLY B 118 1.81 22.36 -3.47
CA GLY B 118 0.85 21.34 -3.78
C GLY B 118 0.45 21.44 -5.24
N CYS B 119 -0.67 20.80 -5.55
CA CYS B 119 -1.02 20.59 -6.95
C CYS B 119 -2.53 20.37 -7.07
N VAL B 120 -3.07 20.81 -8.19
CA VAL B 120 -4.45 20.51 -8.57
C VAL B 120 -4.36 19.68 -9.84
N LEU B 121 -4.76 18.41 -9.75
CA LEU B 121 -4.55 17.45 -10.83
C LEU B 121 -5.89 16.98 -11.35
N ARG B 122 -6.08 17.09 -12.67
CA ARG B 122 -7.31 16.71 -13.32
C ARG B 122 -7.05 15.64 -14.38
N CYS B 123 -7.90 14.62 -14.39
CA CYS B 123 -7.85 13.58 -15.41
C CYS B 123 -8.76 13.97 -16.57
N ILE B 124 -8.21 13.97 -17.78
CA ILE B 124 -8.99 14.31 -18.97
C ILE B 124 -9.66 13.05 -19.52
N ASP B 125 -8.86 12.11 -20.01
CA ASP B 125 -9.34 10.78 -20.37
C ASP B 125 -8.26 9.75 -20.03
N GLY B 126 -8.68 8.49 -19.95
CA GLY B 126 -7.78 7.43 -19.58
C GLY B 126 -8.42 6.06 -19.68
N PRO B 127 -7.64 5.02 -19.36
CA PRO B 127 -8.16 3.66 -19.48
C PRO B 127 -9.13 3.37 -18.35
N PRO B 128 -10.08 2.46 -18.55
CA PRO B 128 -11.08 2.19 -17.51
C PRO B 128 -10.52 1.55 -16.25
N VAL B 129 -9.40 0.83 -16.34
CA VAL B 129 -8.75 0.26 -15.17
C VAL B 129 -7.27 0.61 -15.20
N GLY B 130 -6.69 0.80 -14.01
CA GLY B 130 -5.27 0.99 -13.90
C GLY B 130 -4.89 2.46 -13.70
N GLY B 131 -3.65 2.66 -13.26
CA GLY B 131 -3.11 3.99 -13.09
C GLY B 131 -3.59 4.72 -11.86
N ASP B 132 -3.98 3.99 -10.81
CA ASP B 132 -4.39 4.64 -9.57
C ASP B 132 -3.25 5.49 -9.02
N THR B 133 -3.59 6.47 -8.18
CA THR B 133 -2.63 7.26 -7.44
C THR B 133 -2.91 7.08 -5.96
N MET B 134 -1.84 7.03 -5.18
CA MET B 134 -1.92 6.88 -3.73
C MET B 134 -1.20 8.05 -3.06
N TRP B 135 -1.68 8.44 -1.88
CA TRP B 135 -1.02 9.43 -1.04
C TRP B 135 -0.76 8.83 0.32
N ALA B 136 0.24 9.34 1.02
CA ALA B 136 0.55 8.93 2.38
C ALA B 136 0.65 10.16 3.25
N ASN B 137 0.13 10.04 4.48
CA ASN B 137 0.09 11.11 5.47
C ASN B 137 1.40 11.07 6.26
N MET B 138 2.32 11.98 5.94
CA MET B 138 3.61 11.98 6.61
C MET B 138 3.61 12.74 7.94
N VAL B 139 2.52 13.43 8.28
CA VAL B 139 2.34 13.93 9.66
C VAL B 139 2.07 12.78 10.61
N LEU B 140 1.13 11.90 10.24
CA LEU B 140 0.87 10.70 11.01
C LEU B 140 2.11 9.81 11.03
N ALA B 141 2.84 9.75 9.92
CA ALA B 141 4.05 8.92 9.89
C ALA B 141 5.06 9.41 10.93
N TYR B 142 5.16 10.72 11.11
CA TYR B 142 6.03 11.25 12.16
C TYR B 142 5.49 10.92 13.55
N GLU B 143 4.20 11.21 13.78
CA GLU B 143 3.67 11.21 15.14
C GLU B 143 3.70 9.82 15.75
N ASN B 144 3.60 8.77 14.94
CA ASN B 144 3.60 7.40 15.44
C ASN B 144 4.98 6.78 15.56
N LEU B 145 6.04 7.48 15.14
CA LEU B 145 7.40 7.00 15.37
C LEU B 145 7.63 6.74 16.85
N PRO B 146 8.51 5.80 17.18
CA PRO B 146 8.87 5.59 18.60
C PRO B 146 9.65 6.76 19.17
N ASP B 147 9.50 6.95 20.49
CA ASP B 147 10.12 8.10 21.14
C ASP B 147 11.62 8.16 20.89
N HIS B 148 12.30 7.01 20.89
CA HIS B 148 13.75 7.04 20.72
C HIS B 148 14.12 7.41 19.29
N VAL B 149 13.25 7.16 18.32
CA VAL B 149 13.50 7.61 16.96
C VAL B 149 13.26 9.11 16.86
N LYS B 150 12.23 9.62 17.54
CA LYS B 150 11.97 11.05 17.50
C LYS B 150 13.15 11.82 18.10
N GLN B 151 13.68 11.34 19.22
CA GLN B 151 14.87 11.96 19.81
C GLN B 151 16.04 11.93 18.83
N GLN B 152 16.25 10.81 18.17
CA GLN B 152 17.42 10.67 17.32
C GLN B 152 17.38 11.59 16.09
N ILE B 153 16.19 11.84 15.53
CA ILE B 153 16.07 12.57 14.26
C ILE B 153 15.72 14.04 14.44
N ALA B 154 15.48 14.49 15.66
CA ALA B 154 14.94 15.85 15.89
C ALA B 154 15.77 16.92 15.19
N ASP B 155 17.10 16.82 15.24
CA ASP B 155 17.95 17.83 14.63
C ASP B 155 18.54 17.38 13.30
N LEU B 156 18.13 16.23 12.78
CA LEU B 156 18.76 15.75 11.55
C LEU B 156 18.35 16.62 10.35
N ARG B 157 19.29 16.75 9.42
CA ARG B 157 19.06 17.33 8.11
C ARG B 157 19.57 16.35 7.05
N ALA B 158 19.04 16.43 5.85
CA ALA B 158 19.37 15.44 4.82
C ALA B 158 19.25 16.09 3.46
N ARG B 159 19.91 15.49 2.47
CA ARG B 159 19.91 16.06 1.13
C ARG B 159 19.00 15.29 0.17
N HIS B 160 18.34 16.04 -0.70
CA HIS B 160 17.40 15.53 -1.70
C HIS B 160 17.94 15.88 -3.08
N SER B 161 18.10 14.86 -3.94
CA SER B 161 18.94 14.98 -5.13
C SER B 161 18.15 14.70 -6.40
N ILE B 162 18.20 15.65 -7.35
CA ILE B 162 17.69 15.32 -8.68
C ILE B 162 18.76 14.61 -9.49
N GLU B 163 20.04 14.86 -9.20
CA GLU B 163 21.12 14.15 -9.87
C GLU B 163 20.92 12.65 -9.78
N ALA B 164 20.64 12.14 -8.58
CA ALA B 164 20.61 10.71 -8.30
C ALA B 164 19.28 10.04 -8.67
N SER B 165 18.27 10.83 -9.05
CA SER B 165 17.00 10.25 -9.51
C SER B 165 16.84 10.49 -11.00
N PHE B 166 16.35 11.68 -11.37
CA PHE B 166 16.09 11.98 -12.78
C PHE B 166 17.37 11.99 -13.60
N GLY B 167 18.47 12.50 -13.03
CA GLY B 167 19.72 12.60 -13.77
C GLY B 167 20.47 11.30 -13.94
N ALA B 168 20.11 10.27 -13.16
CA ALA B 168 20.92 9.06 -13.01
C ALA B 168 21.13 8.34 -14.35
N ALA B 169 20.10 8.25 -15.18
CA ALA B 169 20.22 7.53 -16.44
C ALA B 169 20.74 8.38 -17.58
N MET B 170 20.90 9.70 -17.39
CA MET B 170 21.32 10.60 -18.46
C MET B 170 22.78 10.38 -18.84
N PRO B 171 23.22 10.88 -20.00
CA PRO B 171 24.66 10.95 -20.26
C PRO B 171 25.35 11.73 -19.14
N ILE B 172 26.55 11.28 -18.78
CA ILE B 172 27.19 11.80 -17.56
C ILE B 172 27.30 13.31 -17.61
N ASP B 173 27.49 13.88 -18.80
CA ASP B 173 27.61 15.32 -18.95
C ASP B 173 26.30 16.03 -18.64
N LYS B 174 25.18 15.51 -19.14
CA LYS B 174 23.88 16.08 -18.82
C LYS B 174 23.52 15.89 -17.35
N ARG B 175 23.96 14.79 -16.74
CA ARG B 175 23.64 14.59 -15.34
C ARG B 175 24.31 15.66 -14.48
N LEU B 176 25.59 15.97 -14.77
CA LEU B 176 26.32 16.96 -13.97
C LEU B 176 25.78 18.37 -14.21
N ALA B 177 25.43 18.69 -15.46
CA ALA B 177 24.79 19.98 -15.74
C ALA B 177 23.48 20.11 -14.99
N LEU B 178 22.65 19.06 -15.02
CA LEU B 178 21.42 19.06 -14.24
C LEU B 178 21.71 19.29 -12.77
N LYS B 179 22.75 18.61 -12.24
CA LYS B 179 23.14 18.81 -10.85
C LYS B 179 23.56 20.25 -10.63
N ALA B 180 24.28 20.84 -11.58
CA ALA B 180 24.68 22.23 -11.46
C ALA B 180 23.48 23.16 -11.38
N GLN B 181 22.43 22.89 -12.17
CA GLN B 181 21.24 23.74 -12.09
C GLN B 181 20.56 23.64 -10.73
N TYR B 182 20.48 22.43 -10.19
CA TYR B 182 19.77 22.19 -8.94
C TYR B 182 20.69 21.44 -7.98
N PRO B 183 21.57 22.14 -7.26
CA PRO B 183 22.41 21.45 -6.28
C PRO B 183 21.55 20.70 -5.26
N ASP B 184 22.05 19.55 -4.79
CA ASP B 184 21.30 18.74 -3.84
C ASP B 184 20.85 19.59 -2.66
N ALA B 185 19.54 19.65 -2.43
CA ALA B 185 18.94 20.55 -1.45
C ALA B 185 18.93 19.91 -0.06
N GLU B 186 19.39 20.67 0.94
CA GLU B 186 19.34 20.21 2.32
C GLU B 186 18.04 20.67 2.96
N HIS B 187 17.34 19.75 3.64
CA HIS B 187 16.08 20.05 4.30
C HIS B 187 16.06 19.39 5.68
N PRO B 188 15.33 19.97 6.64
CA PRO B 188 15.12 19.28 7.90
C PRO B 188 14.46 17.93 7.68
N VAL B 189 14.91 16.94 8.44
CA VAL B 189 14.26 15.63 8.41
C VAL B 189 12.88 15.71 9.05
N VAL B 190 12.75 16.54 10.08
CA VAL B 190 11.48 16.81 10.76
C VAL B 190 11.08 18.21 10.33
N ARG B 191 10.09 18.32 9.45
CA ARG B 191 9.66 19.60 8.93
C ARG B 191 8.44 20.11 9.68
N THR B 192 8.45 21.40 9.99
CA THR B 192 7.31 22.08 10.61
C THR B 192 6.39 22.57 9.50
N HIS B 193 5.17 22.04 9.46
CA HIS B 193 4.22 22.47 8.45
C HIS B 193 3.93 23.95 8.65
N PRO B 194 4.05 24.78 7.61
CA PRO B 194 3.94 26.23 7.81
C PRO B 194 2.54 26.72 8.13
N GLU B 195 1.49 25.99 7.74
CA GLU B 195 0.13 26.45 8.00
C GLU B 195 -0.56 25.73 9.15
N THR B 196 -0.12 24.53 9.53
CA THR B 196 -0.75 23.84 10.64
C THR B 196 0.11 23.74 11.89
N GLY B 197 1.41 23.97 11.79
CA GLY B 197 2.32 23.71 12.88
C GLY B 197 2.64 22.24 13.10
N GLU B 198 2.05 21.33 12.33
CA GLU B 198 2.33 19.91 12.51
C GLU B 198 3.76 19.58 12.11
N LYS B 199 4.33 18.57 12.77
CA LYS B 199 5.62 18.03 12.36
C LYS B 199 5.40 17.00 11.26
N VAL B 200 6.23 17.07 10.22
CA VAL B 200 6.15 16.20 9.06
C VAL B 200 7.45 15.43 8.99
N LEU B 201 7.36 14.11 8.83
CA LEU B 201 8.53 13.32 8.46
C LEU B 201 8.84 13.66 7.01
N TYR B 202 9.95 14.37 6.80
CA TYR B 202 10.25 14.96 5.50
C TYR B 202 11.48 14.34 4.85
N VAL B 203 11.47 13.02 4.65
CA VAL B 203 12.40 12.30 3.78
C VAL B 203 11.58 11.36 2.88
N ASN B 204 12.08 11.12 1.68
CA ASN B 204 11.35 10.34 0.68
C ASN B 204 12.35 9.73 -0.30
N ALA B 205 11.85 9.27 -1.45
CA ALA B 205 12.67 8.58 -2.45
C ALA B 205 13.80 9.46 -2.98
N PHE B 206 13.62 10.79 -2.98
CA PHE B 206 14.67 11.68 -3.46
C PHE B 206 15.82 11.85 -2.49
N THR B 207 15.63 11.46 -1.23
CA THR B 207 16.62 11.74 -0.20
C THR B 207 17.77 10.73 -0.27
N THR B 208 19.01 11.25 -0.33
CA THR B 208 20.15 10.36 -0.47
C THR B 208 20.78 9.98 0.89
N HIS B 209 20.97 10.95 1.78
CA HIS B 209 21.68 10.67 3.05
C HIS B 209 21.49 11.85 3.99
N PHE B 210 21.78 11.60 5.28
CA PHE B 210 21.87 12.65 6.29
C PHE B 210 23.19 13.39 6.18
N THR B 211 23.16 14.69 6.42
CA THR B 211 24.40 15.47 6.37
C THR B 211 25.03 15.70 7.73
N ASN B 212 24.27 15.55 8.82
CA ASN B 212 24.78 15.92 10.15
C ASN B 212 24.51 14.83 11.16
N PHE B 213 24.53 13.56 10.72
CA PHE B 213 24.29 12.42 11.61
C PHE B 213 25.50 12.10 12.47
N HIS B 214 26.71 12.20 11.90
CA HIS B 214 27.94 11.74 12.53
C HIS B 214 28.35 12.66 13.67
N THR B 215 27.86 12.40 14.88
CA THR B 215 28.16 13.12 16.11
C THR B 215 28.58 12.11 17.17
N PRO B 216 29.31 12.54 18.19
CA PRO B 216 29.70 11.59 19.25
C PRO B 216 28.51 10.97 19.97
N ALA B 217 27.34 11.62 19.93
CA ALA B 217 26.13 11.06 20.55
C ALA B 217 25.60 9.87 19.77
N ARG B 218 25.83 9.84 18.45
CA ARG B 218 25.30 8.75 17.63
C ARG B 218 26.36 7.75 17.17
N VAL B 219 27.64 8.11 17.21
CA VAL B 219 28.67 7.31 16.57
C VAL B 219 29.73 6.95 17.60
N ARG B 220 29.82 5.67 17.93
CA ARG B 220 30.91 5.13 18.74
C ARG B 220 32.02 4.62 17.84
N VAL B 221 31.65 3.80 16.85
CA VAL B 221 32.57 3.16 15.93
C VAL B 221 32.03 3.36 14.52
N GLY B 222 32.87 3.06 13.52
CA GLY B 222 32.53 3.40 12.14
C GLY B 222 31.20 2.85 11.68
N GLN B 223 30.92 1.57 11.97
CA GLN B 223 29.69 0.99 11.46
C GLN B 223 28.44 1.67 12.01
N ASP B 224 28.54 2.38 13.14
CA ASP B 224 27.42 3.20 13.59
C ASP B 224 27.06 4.30 12.58
N ALA B 225 28.07 4.88 11.91
CA ALA B 225 27.79 5.97 10.96
C ALA B 225 27.40 5.42 9.60
N ASN B 226 28.10 4.40 9.14
CA ASN B 226 27.89 3.83 7.82
C ASN B 226 28.09 2.33 7.98
N PRO B 227 27.04 1.50 7.83
CA PRO B 227 25.69 1.69 7.31
C PRO B 227 24.66 2.29 8.27
N GLY B 228 25.06 2.65 9.49
CA GLY B 228 24.10 3.06 10.50
C GLY B 228 23.20 4.20 10.06
N ALA B 229 23.80 5.28 9.54
CA ALA B 229 22.99 6.41 9.10
C ALA B 229 22.06 5.99 7.97
N GLY B 230 22.57 5.22 7.00
CA GLY B 230 21.70 4.79 5.90
C GLY B 230 20.59 3.88 6.37
N GLN B 231 20.83 3.07 7.39
CA GLN B 231 19.76 2.21 7.88
C GLN B 231 18.62 3.03 8.52
N LEU B 232 18.95 4.09 9.27
CA LEU B 232 17.90 4.93 9.82
C LEU B 232 17.10 5.62 8.70
N LEU B 233 17.78 6.09 7.66
CA LEU B 233 17.08 6.75 6.55
C LEU B 233 16.09 5.80 5.87
N HIS B 234 16.52 4.56 5.62
CA HIS B 234 15.62 3.56 5.04
C HIS B 234 14.42 3.30 5.93
N TYR B 235 14.62 3.23 7.24
CA TYR B 235 13.51 3.04 8.15
C TYR B 235 12.53 4.20 8.05
N LEU B 236 13.05 5.43 7.94
CA LEU B 236 12.20 6.61 7.83
C LEU B 236 11.43 6.64 6.51
N ILE B 237 12.13 6.50 5.36
CA ILE B 237 11.41 6.57 4.09
C ILE B 237 10.42 5.41 3.97
N GLY B 238 10.73 4.26 4.59
CA GLY B 238 9.78 3.15 4.54
C GLY B 238 8.51 3.39 5.31
N GLN B 239 8.44 4.45 6.13
CA GLN B 239 7.19 4.70 6.84
C GLN B 239 6.06 5.00 5.87
N ALA B 240 6.39 5.57 4.69
CA ALA B 240 5.36 5.88 3.72
C ALA B 240 4.68 4.63 3.16
N ALA B 241 5.33 3.46 3.29
CA ALA B 241 4.76 2.21 2.77
C ALA B 241 3.77 1.56 3.73
N ILE B 242 3.44 2.21 4.85
CA ILE B 242 2.54 1.63 5.84
C ILE B 242 1.09 1.91 5.42
N PRO B 243 0.30 0.86 5.16
CA PRO B 243 -1.07 1.07 4.65
C PRO B 243 -1.93 1.92 5.56
N GLU B 244 -1.65 1.90 6.86
CA GLU B 244 -2.40 2.73 7.80
C GLU B 244 -2.34 4.21 7.46
N TYR B 245 -1.29 4.64 6.77
CA TYR B 245 -1.08 6.05 6.47
C TYR B 245 -1.54 6.45 5.08
N GLN B 246 -2.17 5.54 4.34
CA GLN B 246 -2.33 5.61 2.90
C GLN B 246 -3.78 5.79 2.49
N VAL B 247 -3.95 6.35 1.29
CA VAL B 247 -5.21 6.29 0.56
C VAL B 247 -4.92 6.02 -0.91
N ARG B 248 -5.82 5.30 -1.57
CA ARG B 248 -5.67 4.93 -2.98
C ARG B 248 -6.89 5.38 -3.76
N TRP B 249 -6.66 6.13 -4.85
CA TRP B 249 -7.71 6.78 -5.61
C TRP B 249 -7.75 6.22 -7.02
N ARG B 250 -8.94 5.91 -7.50
CA ARG B 250 -9.14 5.43 -8.86
C ARG B 250 -9.70 6.56 -9.69
N TRP B 251 -9.01 6.88 -10.78
CA TRP B 251 -9.36 8.03 -11.60
C TRP B 251 -10.54 7.72 -12.50
N LYS B 252 -11.35 8.74 -12.73
CA LYS B 252 -12.38 8.76 -13.76
C LYS B 252 -12.19 10.04 -14.56
N LYS B 253 -12.83 10.10 -15.72
CA LYS B 253 -12.76 11.30 -16.53
C LYS B 253 -13.26 12.49 -15.72
N ASN B 254 -12.55 13.60 -15.83
CA ASN B 254 -12.87 14.85 -15.12
C ASN B 254 -12.86 14.69 -13.61
N SER B 255 -12.17 13.68 -13.09
CA SER B 255 -11.88 13.61 -11.66
C SER B 255 -10.70 14.52 -11.33
N VAL B 256 -10.72 15.07 -10.11
CA VAL B 256 -9.71 16.05 -9.71
C VAL B 256 -9.16 15.66 -8.35
N ALA B 257 -7.84 15.77 -8.20
CA ALA B 257 -7.17 15.64 -6.91
C ALA B 257 -6.44 16.93 -6.58
N ILE B 258 -6.62 17.39 -5.35
CA ILE B 258 -5.88 18.52 -4.79
C ILE B 258 -5.16 18.03 -3.56
N TRP B 259 -3.85 18.25 -3.48
CA TRP B 259 -3.15 17.79 -2.30
C TRP B 259 -2.13 18.80 -1.81
N ASP B 260 -1.88 18.70 -0.50
CA ASP B 260 -0.88 19.48 0.20
C ASP B 260 0.43 18.70 0.10
N ASN B 261 1.35 19.18 -0.75
CA ASN B 261 2.59 18.48 -1.02
C ASN B 261 3.54 18.53 0.19
N ARG B 262 3.31 19.47 1.11
CA ARG B 262 4.17 19.59 2.28
C ARG B 262 3.92 18.48 3.29
N ALA B 263 2.69 18.01 3.40
CA ALA B 263 2.30 17.05 4.42
C ALA B 263 2.20 15.62 3.90
N THR B 264 2.34 15.40 2.60
CA THR B 264 2.07 14.08 2.03
C THR B 264 3.24 13.64 1.16
N GLN B 265 3.23 12.35 0.86
CA GLN B 265 3.92 11.82 -0.29
C GLN B 265 2.85 11.18 -1.18
N HIS B 266 3.17 10.99 -2.44
CA HIS B 266 2.26 10.29 -3.33
C HIS B 266 3.03 9.31 -4.20
N TYR B 267 2.26 8.44 -4.86
CA TYR B 267 2.80 7.33 -5.63
C TYR B 267 1.85 7.11 -6.79
N ALA B 268 2.34 7.25 -8.01
CA ALA B 268 1.55 6.97 -9.21
C ALA B 268 1.73 5.50 -9.58
N VAL B 269 0.70 4.69 -9.36
CA VAL B 269 0.83 3.26 -9.58
C VAL B 269 0.99 2.98 -11.06
N MET B 270 2.00 2.19 -11.40
CA MET B 270 2.30 1.94 -12.81
C MET B 270 2.00 0.47 -13.12
N ASP B 271 0.75 0.08 -12.92
CA ASP B 271 0.27 -1.28 -13.17
C ASP B 271 -0.23 -1.47 -14.60
N TYR B 272 -0.21 -0.43 -15.41
CA TYR B 272 -0.90 -0.54 -16.67
C TYR B 272 0.05 -0.78 -17.84
N PRO B 273 -0.40 -1.53 -18.83
CA PRO B 273 0.38 -1.71 -20.06
C PRO B 273 0.45 -0.40 -20.83
N PRO B 274 1.28 -0.33 -21.87
CA PRO B 274 1.35 0.91 -22.66
C PRO B 274 -0.01 1.31 -23.19
N CYS B 275 -0.44 2.52 -22.84
CA CYS B 275 -1.72 3.06 -23.27
C CYS B 275 -1.61 4.59 -23.23
N VAL B 276 -2.70 5.25 -23.64
CA VAL B 276 -2.76 6.70 -23.72
C VAL B 276 -3.55 7.22 -22.53
N ARG B 277 -2.91 8.06 -21.71
CA ARG B 277 -3.55 8.71 -20.57
C ARG B 277 -3.23 10.20 -20.60
N ARG B 278 -4.23 11.05 -20.38
CA ARG B 278 -4.07 12.49 -20.49
C ARG B 278 -4.50 13.17 -19.19
N MET B 279 -3.56 13.87 -18.56
CA MET B 279 -3.79 14.61 -17.33
C MET B 279 -3.37 16.07 -17.54
N GLU B 280 -3.91 16.95 -16.70
CA GLU B 280 -3.49 18.34 -16.64
C GLU B 280 -3.37 18.74 -15.18
N ARG B 281 -2.26 19.40 -14.84
CA ARG B 281 -1.96 19.76 -13.46
C ARG B 281 -1.61 21.23 -13.37
N ALA B 282 -1.87 21.81 -12.20
CA ALA B 282 -1.48 23.18 -11.88
C ALA B 282 -0.74 23.12 -10.55
N GLY B 283 0.57 23.40 -10.60
CA GLY B 283 1.41 23.34 -9.40
C GLY B 283 1.52 24.70 -8.73
N ILE B 284 1.56 24.67 -7.40
CA ILE B 284 1.55 25.88 -6.58
C ILE B 284 2.91 26.02 -5.91
N VAL B 285 3.46 27.23 -5.96
CA VAL B 285 4.77 27.52 -5.39
C VAL B 285 4.74 27.34 -3.88
N GLY B 286 5.75 26.66 -3.35
CA GLY B 286 5.95 26.55 -1.91
C GLY B 286 7.17 27.36 -1.52
N ASP B 287 7.41 27.42 -0.21
CA ASP B 287 8.53 28.18 0.32
C ASP B 287 9.62 27.24 0.83
N VAL B 288 10.57 27.81 1.57
CA VAL B 288 11.71 27.05 2.08
C VAL B 288 11.24 26.16 3.23
N PRO B 289 11.50 24.86 3.21
CA PRO B 289 11.14 24.02 4.37
C PRO B 289 12.02 24.35 5.57
N PHE B 290 11.39 24.43 6.74
CA PHE B 290 12.11 24.69 7.98
C PHE B 290 11.64 23.71 9.05
#